data_6FNA
#
_entry.id   6FNA
#
_cell.length_a   72.035
_cell.length_b   102.888
_cell.length_c   113.627
_cell.angle_alpha   90.000
_cell.angle_beta   90.000
_cell.angle_gamma   90.000
#
_symmetry.space_group_name_H-M   'P 21 21 21'
#
loop_
_entity.id
_entity.type
_entity.pdbx_description
1 polymer '14-3-3 protein zeta/delta'
2 non-polymer '[2-[2-oxidanylidene-2-[[3-[2-[2-[2-[3-oxidanylidene-3-[2-[3-[2-[2-[2-[[4-[2-(2-phosphonophenoxy)ethanoylamino]phenyl]carbonylamino]ethoxy]ethoxy]ethoxy]propanoylamino]ethylamino]propoxy]ethoxy]ethoxy]ethylcarbamoyl]phenyl]amino]ethoxy]phenyl]phosphonic acid'
3 non-polymer 'BENZOIC ACID'
4 non-polymer 'CALCIUM ION'
5 non-polymer 'CHLORIDE ION'
6 non-polymer GLYCEROL
7 water water
#
_entity_poly.entity_id   1
_entity_poly.type   'polypeptide(L)'
_entity_poly.pdbx_seq_one_letter_code
;MDKNELVQKAKLAEQAERYDDMAACMKSVTEQGAELSNEERNLLSVAYKNVVGARRSSWRVVSSIEQKTEGAEKKQQMAR
EYREKIETELRDICNDVLSLLEKFLIPNASQAESKVFYLKMKGDYYRYLAEVAAGDDKKGIVDQSQQAYQEAFEISKKEM
QPTHPIRLGLALNFSVFYYEILNSPEKACSLAKTAFDEAIAELDTLSEESYKDSTLIMQLLRDNLTLWTS
;
_entity_poly.pdbx_strand_id   A,B
#
# COMPACT_ATOMS: atom_id res chain seq x y z
N MET A 1 -21.97 12.72 -4.50
CA MET A 1 -23.21 12.67 -5.34
C MET A 1 -23.09 13.56 -6.58
N ASP A 2 -22.85 14.85 -6.36
CA ASP A 2 -22.65 15.83 -7.44
C ASP A 2 -21.24 15.68 -8.01
N LYS A 3 -21.07 16.03 -9.30
CA LYS A 3 -19.79 15.89 -10.01
C LYS A 3 -18.60 16.52 -9.28
N ASN A 4 -18.71 17.81 -8.99
CA ASN A 4 -17.64 18.55 -8.32
C ASN A 4 -17.32 17.97 -6.94
N GLU A 5 -18.37 17.56 -6.24
CA GLU A 5 -18.27 16.88 -4.94
C GLU A 5 -17.51 15.55 -5.03
N LEU A 6 -17.79 14.77 -6.08
CA LEU A 6 -17.09 13.51 -6.33
C LEU A 6 -15.60 13.71 -6.66
N VAL A 7 -15.28 14.81 -7.34
CA VAL A 7 -13.89 15.15 -7.67
C VAL A 7 -13.10 15.57 -6.42
N GLN A 8 -13.71 16.39 -5.55
CA GLN A 8 -13.07 16.76 -4.28
C GLN A 8 -12.89 15.56 -3.37
N LYS A 9 -13.86 14.66 -3.40
CA LYS A 9 -13.79 13.39 -2.70
C LYS A 9 -12.64 12.51 -3.22
N ALA A 10 -12.47 12.45 -4.55
CA ALA A 10 -11.37 11.71 -5.17
C ALA A 10 -10.00 12.27 -4.75
N LYS A 11 -9.89 13.60 -4.70
CA LYS A 11 -8.65 14.24 -4.25
C LYS A 11 -8.33 13.98 -2.79
N LEU A 12 -9.37 13.89 -1.97
CA LEU A 12 -9.21 13.59 -0.55
C LEU A 12 -8.78 12.14 -0.33
N ALA A 13 -9.41 11.22 -1.08
CA ALA A 13 -9.01 9.82 -1.11
C ALA A 13 -7.57 9.62 -1.59
N GLU A 14 -7.14 10.42 -2.59
CA GLU A 14 -5.75 10.41 -3.07
C GLU A 14 -4.76 10.75 -1.96
N GLN A 15 -5.06 11.81 -1.22
CA GLN A 15 -4.20 12.23 -0.11
C GLN A 15 -4.18 11.20 1.01
N ALA A 16 -5.32 10.54 1.25
CA ALA A 16 -5.39 9.42 2.21
C ALA A 16 -4.74 8.11 1.70
N GLU A 17 -4.32 8.09 0.44
CA GLU A 17 -3.76 6.89 -0.22
C GLU A 17 -4.77 5.73 -0.20
N ARG A 18 -6.04 6.08 -0.40
CA ARG A 18 -7.15 5.14 -0.44
C ARG A 18 -7.64 5.09 -1.88
N TYR A 19 -6.93 4.36 -2.70
CA TYR A 19 -7.07 4.44 -4.15
C TYR A 19 -8.31 3.74 -4.72
N ASP A 20 -8.82 2.74 -4.00
CA ASP A 20 -10.10 2.12 -4.37
C ASP A 20 -11.27 3.12 -4.21
N ASP A 21 -11.26 3.89 -3.12
CA ASP A 21 -12.21 5.00 -2.95
C ASP A 21 -12.05 6.04 -4.07
N MET A 22 -10.79 6.36 -4.38
CA MET A 22 -10.47 7.31 -5.46
C MET A 22 -10.95 6.82 -6.82
N ALA A 23 -10.74 5.54 -7.12
CA ALA A 23 -11.19 4.95 -8.38
C ALA A 23 -12.71 4.95 -8.48
N ALA A 24 -13.38 4.59 -7.39
CA ALA A 24 -14.85 4.58 -7.33
C ALA A 24 -15.44 5.96 -7.60
N CYS A 25 -14.82 7.00 -7.04
CA CYS A 25 -15.25 8.38 -7.28
C CYS A 25 -15.12 8.79 -8.74
N MET A 26 -13.95 8.56 -9.33
CA MET A 26 -13.68 8.96 -10.72
C MET A 26 -14.42 8.11 -11.74
N LYS A 27 -14.71 6.85 -11.39
CA LYS A 27 -15.60 6.02 -12.21
C LYS A 27 -17.00 6.64 -12.29
N SER A 28 -17.51 7.12 -11.15
CA SER A 28 -18.83 7.76 -11.11
C SER A 28 -18.86 9.08 -11.90
N VAL A 29 -17.79 9.87 -11.78
CA VAL A 29 -17.66 11.10 -12.57
C VAL A 29 -17.68 10.80 -14.07
N THR A 30 -16.90 9.80 -14.48
CA THR A 30 -16.86 9.35 -15.88
C THR A 30 -18.23 8.90 -16.38
N GLU A 31 -18.95 8.14 -15.56
CA GLU A 31 -20.28 7.61 -15.92
C GLU A 31 -21.39 8.66 -16.08
N GLN A 32 -21.17 9.89 -15.60
CA GLN A 32 -22.06 11.01 -15.89
C GLN A 32 -22.04 11.45 -17.36
N GLY A 33 -21.05 10.99 -18.13
CA GLY A 33 -21.09 11.10 -19.59
C GLY A 33 -20.50 12.37 -20.19
N ALA A 34 -20.13 13.34 -19.35
CA ALA A 34 -19.47 14.56 -19.82
C ALA A 34 -17.97 14.30 -19.99
N GLU A 35 -17.37 15.01 -20.95
CA GLU A 35 -15.93 14.89 -21.22
C GLU A 35 -15.13 15.36 -20.00
N LEU A 36 -14.17 14.54 -19.58
CA LEU A 36 -13.38 14.83 -18.39
C LEU A 36 -12.41 15.98 -18.66
N SER A 37 -12.27 16.87 -17.69
CA SER A 37 -11.23 17.88 -17.70
C SER A 37 -9.85 17.21 -17.60
N ASN A 38 -8.80 17.96 -17.91
CA ASN A 38 -7.43 17.44 -17.80
C ASN A 38 -7.14 16.96 -16.38
N GLU A 39 -7.61 17.72 -15.38
CA GLU A 39 -7.48 17.32 -13.98
C GLU A 39 -8.18 15.99 -13.68
N GLU A 40 -9.44 15.86 -14.12
CA GLU A 40 -10.23 14.65 -13.87
C GLU A 40 -9.65 13.41 -14.55
N ARG A 41 -9.18 13.60 -15.78
CA ARG A 41 -8.49 12.55 -16.54
C ARG A 41 -7.29 12.01 -15.79
N ASN A 42 -6.46 12.92 -15.25
CA ASN A 42 -5.29 12.55 -14.47
C ASN A 42 -5.65 11.86 -13.15
N LEU A 43 -6.70 12.35 -12.48
CA LEU A 43 -7.20 11.69 -11.26
C LEU A 43 -7.67 10.25 -11.52
N LEU A 44 -8.45 10.06 -12.58
CA LEU A 44 -8.87 8.72 -13.01
C LEU A 44 -7.68 7.79 -13.25
N SER A 45 -6.69 8.30 -13.98
CA SER A 45 -5.52 7.52 -14.38
C SER A 45 -4.66 7.14 -13.17
N VAL A 46 -4.42 8.10 -12.28
CA VAL A 46 -3.69 7.85 -11.04
C VAL A 46 -4.39 6.82 -10.16
N ALA A 47 -5.70 6.98 -9.98
CA ALA A 47 -6.49 6.06 -9.16
C ALA A 47 -6.31 4.63 -9.64
N TYR A 48 -6.65 4.39 -10.91
CA TYR A 48 -6.63 3.05 -11.46
C TYR A 48 -5.22 2.46 -11.61
N LYS A 49 -4.24 3.30 -11.92
CA LYS A 49 -2.82 2.88 -11.93
C LYS A 49 -2.44 2.21 -10.60
N ASN A 50 -2.81 2.85 -9.50
CA ASN A 50 -2.53 2.34 -8.16
C ASN A 50 -3.37 1.12 -7.77
N VAL A 51 -4.63 1.07 -8.20
CA VAL A 51 -5.50 -0.08 -7.93
C VAL A 51 -5.01 -1.32 -8.68
N VAL A 52 -4.82 -1.19 -9.99
CA VAL A 52 -4.30 -2.31 -10.79
C VAL A 52 -2.85 -2.64 -10.43
N GLY A 53 -2.06 -1.60 -10.13
CA GLY A 53 -0.64 -1.74 -9.80
C GLY A 53 -0.36 -2.60 -8.58
N ALA A 54 -1.18 -2.43 -7.54
CA ALA A 54 -1.10 -3.26 -6.34
C ALA A 54 -1.25 -4.75 -6.69
N ARG A 55 -2.21 -5.07 -7.56
CA ARG A 55 -2.43 -6.45 -8.00
C ARG A 55 -1.29 -6.95 -8.89
N ARG A 56 -0.83 -6.09 -9.79
CA ARG A 56 0.32 -6.43 -10.65
C ARG A 56 1.53 -6.78 -9.80
N SER A 57 1.89 -5.90 -8.88
CA SER A 57 3.00 -6.14 -7.95
C SER A 57 2.84 -7.46 -7.17
N SER A 58 1.65 -7.69 -6.61
CA SER A 58 1.37 -8.93 -5.88
C SER A 58 1.46 -10.18 -6.75
N TRP A 59 0.85 -10.11 -7.94
CA TRP A 59 0.91 -11.21 -8.91
C TRP A 59 2.36 -11.55 -9.30
N ARG A 60 3.22 -10.55 -9.35
CA ARG A 60 4.63 -10.73 -9.72
C ARG A 60 5.39 -11.47 -8.63
N VAL A 61 5.02 -11.25 -7.37
CA VAL A 61 5.65 -11.92 -6.24
C VAL A 61 5.17 -13.38 -6.13
N VAL A 62 3.86 -13.59 -6.30
CA VAL A 62 3.26 -14.93 -6.13
C VAL A 62 3.62 -15.85 -7.31
N SER A 63 3.62 -15.31 -8.52
CA SER A 63 4.02 -16.05 -9.72
C SER A 63 5.49 -16.48 -9.64
N SER A 64 6.34 -15.57 -9.17
CA SER A 64 7.77 -15.86 -8.97
C SER A 64 8.00 -16.98 -7.95
N ILE A 65 7.28 -16.92 -6.83
CA ILE A 65 7.34 -17.96 -5.80
C ILE A 65 6.85 -19.30 -6.35
N GLU A 66 5.73 -19.28 -7.07
CA GLU A 66 5.16 -20.46 -7.71
C GLU A 66 6.16 -21.19 -8.62
N GLN A 67 6.85 -20.42 -9.47
CA GLN A 67 7.87 -20.96 -10.38
C GLN A 67 9.13 -21.46 -9.65
N LYS A 68 9.49 -20.81 -8.54
CA LYS A 68 10.69 -21.16 -7.76
C LYS A 68 10.40 -22.10 -6.56
N THR A 69 9.44 -23.02 -6.73
CA THR A 69 9.23 -24.15 -5.82
C THR A 69 9.09 -25.43 -6.63
N GLU A 70 10.15 -26.23 -6.68
CA GLU A 70 10.20 -27.44 -7.51
C GLU A 70 9.44 -28.61 -6.87
N GLY A 71 9.92 -29.06 -5.71
CA GLY A 71 9.45 -30.30 -5.09
C GLY A 71 8.23 -30.26 -4.19
N ALA A 72 7.71 -29.06 -3.90
CA ALA A 72 6.57 -28.89 -2.99
C ALA A 72 5.26 -28.76 -3.78
N GLU A 73 4.62 -29.89 -4.06
CA GLU A 73 3.38 -29.94 -4.84
C GLU A 73 2.18 -29.28 -4.16
N LYS A 74 2.12 -29.37 -2.82
CA LYS A 74 1.06 -28.73 -2.04
C LYS A 74 1.26 -27.21 -1.91
N LYS A 75 2.52 -26.80 -1.70
CA LYS A 75 2.88 -25.37 -1.63
C LYS A 75 2.72 -24.67 -2.99
N GLN A 76 3.13 -25.35 -4.06
CA GLN A 76 2.95 -24.83 -5.42
C GLN A 76 1.47 -24.68 -5.79
N GLN A 77 0.64 -25.62 -5.39
CA GLN A 77 -0.81 -25.54 -5.62
C GLN A 77 -1.44 -24.32 -4.93
N MET A 78 -1.00 -24.06 -3.70
CA MET A 78 -1.45 -22.89 -2.93
C MET A 78 -1.08 -21.60 -3.64
N ALA A 79 0.19 -21.49 -4.05
CA ALA A 79 0.68 -20.35 -4.81
C ALA A 79 -0.10 -20.18 -6.11
N ARG A 80 -0.34 -21.28 -6.82
CA ARG A 80 -1.13 -21.26 -8.06
C ARG A 80 -2.54 -20.70 -7.81
N GLU A 81 -3.21 -21.23 -6.79
CA GLU A 81 -4.56 -20.80 -6.45
C GLU A 81 -4.65 -19.33 -5.99
N TYR A 82 -3.65 -18.89 -5.23
CA TYR A 82 -3.58 -17.48 -4.79
C TYR A 82 -3.27 -16.55 -5.97
N ARG A 83 -2.42 -17.03 -6.88
CA ARG A 83 -2.12 -16.33 -8.13
C ARG A 83 -3.39 -16.11 -8.97
N GLU A 84 -4.20 -17.16 -9.10
CA GLU A 84 -5.49 -17.10 -9.81
C GLU A 84 -6.52 -16.16 -9.15
N LYS A 85 -6.56 -16.17 -7.83
CA LYS A 85 -7.38 -15.23 -7.05
C LYS A 85 -6.99 -13.79 -7.34
N ILE A 86 -5.68 -13.52 -7.32
CA ILE A 86 -5.13 -12.19 -7.65
C ILE A 86 -5.42 -11.82 -9.11
N GLU A 87 -5.25 -12.78 -10.02
CA GLU A 87 -5.56 -12.57 -11.45
C GLU A 87 -6.99 -12.13 -11.70
N THR A 88 -7.92 -12.79 -11.01
CA THR A 88 -9.35 -12.48 -11.12
C THR A 88 -9.63 -11.03 -10.68
N GLU A 89 -9.01 -10.60 -9.58
CA GLU A 89 -9.10 -9.20 -9.14
C GLU A 89 -8.54 -8.25 -10.20
N LEU A 90 -7.37 -8.60 -10.75
CA LEU A 90 -6.70 -7.79 -11.75
C LEU A 90 -7.52 -7.66 -13.04
N ARG A 91 -8.07 -8.78 -13.50
CA ARG A 91 -8.93 -8.79 -14.70
C ARG A 91 -10.18 -7.93 -14.56
N ASP A 92 -10.85 -8.02 -13.41
CA ASP A 92 -12.04 -7.21 -13.13
C ASP A 92 -11.73 -5.71 -13.12
N ILE A 93 -10.56 -5.33 -12.60
CA ILE A 93 -10.10 -3.94 -12.62
C ILE A 93 -9.87 -3.49 -14.06
N CYS A 94 -9.08 -4.25 -14.81
CA CYS A 94 -8.80 -3.93 -16.22
C CYS A 94 -10.06 -3.83 -17.07
N ASN A 95 -10.99 -4.77 -16.86
CA ASN A 95 -12.26 -4.76 -17.60
C ASN A 95 -13.16 -3.55 -17.24
N ASP A 96 -13.13 -3.11 -15.99
CA ASP A 96 -13.82 -1.87 -15.59
C ASP A 96 -13.25 -0.64 -16.29
N VAL A 97 -11.92 -0.54 -16.33
CA VAL A 97 -11.23 0.58 -17.00
C VAL A 97 -11.50 0.54 -18.51
N LEU A 98 -11.35 -0.64 -19.10
CA LEU A 98 -11.55 -0.81 -20.54
C LEU A 98 -12.99 -0.55 -20.97
N SER A 99 -13.95 -0.89 -20.11
CA SER A 99 -15.36 -0.55 -20.34
C SER A 99 -15.61 0.97 -20.26
N LEU A 100 -14.98 1.65 -19.30
CA LEU A 100 -15.07 3.12 -19.22
C LEU A 100 -14.47 3.81 -20.44
N LEU A 101 -13.33 3.30 -20.91
CA LEU A 101 -12.66 3.83 -22.10
C LEU A 101 -13.51 3.69 -23.36
N GLU A 102 -14.14 2.52 -23.52
CA GLU A 102 -14.93 2.22 -24.72
C GLU A 102 -16.26 2.96 -24.71
N LYS A 103 -16.92 2.99 -23.55
CA LYS A 103 -18.25 3.58 -23.41
C LYS A 103 -18.27 5.10 -23.33
N PHE A 104 -17.31 5.69 -22.61
CA PHE A 104 -17.31 7.14 -22.34
C PHE A 104 -16.10 7.90 -22.88
N LEU A 105 -14.89 7.48 -22.49
CA LEU A 105 -13.70 8.33 -22.62
C LEU A 105 -13.20 8.49 -24.07
N ILE A 106 -13.09 7.38 -24.79
CA ILE A 106 -12.62 7.43 -26.18
C ILE A 106 -13.62 8.12 -27.13
N PRO A 107 -14.91 7.73 -27.10
CA PRO A 107 -15.88 8.39 -28.00
C PRO A 107 -16.07 9.89 -27.74
N ASN A 108 -16.00 10.32 -26.49
CA ASN A 108 -16.15 11.75 -26.12
C ASN A 108 -14.89 12.60 -26.32
N ALA A 109 -13.74 11.97 -26.53
CA ALA A 109 -12.47 12.69 -26.65
C ALA A 109 -12.47 13.62 -27.87
N SER A 110 -12.59 14.92 -27.61
CA SER A 110 -12.75 15.94 -28.65
C SER A 110 -11.43 16.60 -29.09
N GLN A 111 -10.33 16.27 -28.41
CA GLN A 111 -8.99 16.77 -28.79
C GLN A 111 -8.07 15.58 -29.03
N ALA A 112 -7.08 15.77 -29.88
CA ALA A 112 -6.07 14.74 -30.20
C ALA A 112 -5.30 14.33 -28.95
N GLU A 113 -4.90 15.30 -28.13
CA GLU A 113 -4.23 15.04 -26.85
C GLU A 113 -4.99 14.01 -26.02
N SER A 114 -6.29 14.25 -25.84
CA SER A 114 -7.18 13.35 -25.08
C SER A 114 -7.33 11.99 -25.72
N LYS A 115 -7.57 11.98 -27.04
CA LYS A 115 -7.77 10.72 -27.76
C LYS A 115 -6.53 9.83 -27.69
N VAL A 116 -5.34 10.44 -27.86
CA VAL A 116 -4.08 9.72 -27.72
C VAL A 116 -3.92 9.16 -26.30
N PHE A 117 -4.20 10.00 -25.31
CA PHE A 117 -4.11 9.60 -23.89
C PHE A 117 -4.95 8.37 -23.58
N TYR A 118 -6.22 8.38 -24.03
CA TYR A 118 -7.15 7.29 -23.73
C TYR A 118 -6.86 6.01 -24.53
N LEU A 119 -6.47 6.17 -25.79
CA LEU A 119 -6.05 5.03 -26.60
C LEU A 119 -4.77 4.37 -26.04
N LYS A 120 -3.82 5.20 -25.60
CA LYS A 120 -2.63 4.69 -24.88
C LYS A 120 -3.05 3.91 -23.64
N MET A 121 -3.97 4.50 -22.87
CA MET A 121 -4.53 3.86 -21.68
C MET A 121 -5.19 2.53 -22.02
N LYS A 122 -5.93 2.48 -23.13
CA LYS A 122 -6.53 1.24 -23.62
C LYS A 122 -5.44 0.21 -23.93
N GLY A 123 -4.37 0.66 -24.60
CA GLY A 123 -3.20 -0.17 -24.86
C GLY A 123 -2.58 -0.73 -23.59
N ASP A 124 -2.46 0.12 -22.56
CA ASP A 124 -1.87 -0.27 -21.27
C ASP A 124 -2.69 -1.35 -20.56
N TYR A 125 -4.00 -1.15 -20.48
CA TYR A 125 -4.85 -2.09 -19.73
C TYR A 125 -5.06 -3.41 -20.43
N TYR A 126 -5.06 -3.43 -21.76
CA TYR A 126 -4.99 -4.70 -22.51
C TYR A 126 -3.62 -5.37 -22.31
N ARG A 127 -2.56 -4.57 -22.23
CA ARG A 127 -1.23 -5.09 -21.91
C ARG A 127 -1.19 -5.74 -20.52
N TYR A 128 -1.87 -5.16 -19.53
CA TYR A 128 -1.92 -5.75 -18.19
C TYR A 128 -2.69 -7.07 -18.19
N LEU A 129 -3.77 -7.14 -18.97
CA LEU A 129 -4.47 -8.41 -19.22
C LEU A 129 -3.57 -9.43 -19.92
N ALA A 130 -2.76 -8.96 -20.88
CA ALA A 130 -1.81 -9.82 -21.60
C ALA A 130 -0.73 -10.43 -20.70
N GLU A 131 -0.21 -9.65 -19.76
CA GLU A 131 0.75 -10.13 -18.74
C GLU A 131 0.26 -11.37 -17.99
N VAL A 132 -1.05 -11.47 -17.84
CA VAL A 132 -1.73 -12.41 -16.95
C VAL A 132 -2.52 -13.51 -17.74
N ALA A 133 -2.48 -13.46 -19.07
CA ALA A 133 -3.29 -14.34 -19.91
C ALA A 133 -2.63 -15.69 -20.18
N ALA A 134 -3.45 -16.73 -20.28
CA ALA A 134 -3.00 -18.06 -20.70
C ALA A 134 -3.22 -18.21 -22.21
N GLY A 135 -2.41 -19.07 -22.84
CA GLY A 135 -2.26 -19.17 -24.29
C GLY A 135 -3.47 -19.01 -25.21
N ASP A 136 -4.61 -19.54 -24.79
CA ASP A 136 -5.83 -19.55 -25.63
C ASP A 136 -6.32 -18.14 -26.00
N ASP A 137 -6.43 -17.28 -24.98
CA ASP A 137 -6.95 -15.91 -25.16
C ASP A 137 -5.86 -14.86 -25.39
N LYS A 138 -4.60 -15.24 -25.25
CA LYS A 138 -3.49 -14.28 -25.20
C LYS A 138 -3.27 -13.51 -26.49
N LYS A 139 -3.22 -14.24 -27.61
CA LYS A 139 -3.00 -13.63 -28.94
C LYS A 139 -4.05 -12.56 -29.26
N GLY A 140 -5.30 -12.82 -28.91
CA GLY A 140 -6.39 -11.85 -29.09
C GLY A 140 -6.19 -10.59 -28.25
N ILE A 141 -5.88 -10.78 -26.98
CA ILE A 141 -5.62 -9.68 -26.03
C ILE A 141 -4.41 -8.85 -26.46
N VAL A 142 -3.32 -9.52 -26.83
CA VAL A 142 -2.10 -8.87 -27.32
C VAL A 142 -2.40 -8.00 -28.56
N ASP A 143 -3.21 -8.53 -29.47
CA ASP A 143 -3.63 -7.78 -30.66
C ASP A 143 -4.49 -6.55 -30.33
N GLN A 144 -5.35 -6.67 -29.33
CA GLN A 144 -6.17 -5.53 -28.87
C GLN A 144 -5.28 -4.42 -28.30
N SER A 145 -4.28 -4.81 -27.50
CA SER A 145 -3.30 -3.87 -26.96
C SER A 145 -2.54 -3.16 -28.07
N GLN A 146 -2.03 -3.93 -29.03
CA GLN A 146 -1.24 -3.39 -30.14
C GLN A 146 -2.02 -2.41 -31.02
N GLN A 147 -3.27 -2.75 -31.31
CA GLN A 147 -4.13 -1.89 -32.14
C GLN A 147 -4.43 -0.56 -31.48
N ALA A 148 -4.70 -0.58 -30.16
CA ALA A 148 -4.94 0.64 -29.40
C ALA A 148 -3.70 1.55 -29.42
N TYR A 149 -2.55 0.97 -29.10
CA TYR A 149 -1.27 1.69 -29.16
C TYR A 149 -0.98 2.25 -30.55
N GLN A 150 -1.22 1.45 -31.58
CA GLN A 150 -0.95 1.84 -32.97
C GLN A 150 -1.81 3.01 -33.42
N GLU A 151 -3.09 3.01 -33.07
CA GLU A 151 -3.96 4.16 -33.40
C GLU A 151 -3.53 5.41 -32.66
N ALA A 152 -3.22 5.26 -31.36
CA ALA A 152 -2.65 6.36 -30.57
C ALA A 152 -1.38 6.91 -31.22
N PHE A 153 -0.51 6.00 -31.66
CA PHE A 153 0.77 6.35 -32.29
C PHE A 153 0.60 7.19 -33.55
N GLU A 154 -0.30 6.75 -34.44
CA GLU A 154 -0.58 7.48 -35.68
C GLU A 154 -1.17 8.87 -35.47
N ILE A 155 -2.08 8.99 -34.50
CA ILE A 155 -2.66 10.30 -34.15
C ILE A 155 -1.62 11.24 -33.56
N SER A 156 -0.79 10.75 -32.62
CA SER A 156 0.23 11.60 -32.00
C SER A 156 1.29 12.05 -32.99
N LYS A 157 1.66 11.17 -33.92
CA LYS A 157 2.62 11.52 -34.98
C LYS A 157 2.08 12.63 -35.89
N LYS A 158 0.79 12.55 -36.21
CA LYS A 158 0.13 13.57 -37.04
C LYS A 158 -0.14 14.89 -36.31
N GLU A 159 -0.66 14.79 -35.08
CA GLU A 159 -1.23 15.96 -34.38
C GLU A 159 -0.37 16.62 -33.31
N MET A 160 0.62 15.91 -32.76
CA MET A 160 1.36 16.38 -31.59
C MET A 160 2.85 16.55 -31.85
N GLN A 161 3.47 17.45 -31.10
CA GLN A 161 4.91 17.73 -31.22
C GLN A 161 5.69 16.53 -30.68
N PRO A 162 6.89 16.25 -31.25
CA PRO A 162 7.70 15.13 -30.73
C PRO A 162 8.11 15.23 -29.26
N THR A 163 8.21 16.47 -28.74
CA THR A 163 8.50 16.70 -27.32
C THR A 163 7.29 16.66 -26.40
N HIS A 164 6.08 16.45 -26.93
CA HIS A 164 4.89 16.41 -26.09
C HIS A 164 4.94 15.20 -25.15
N PRO A 165 4.74 15.42 -23.84
CA PRO A 165 4.92 14.32 -22.86
C PRO A 165 4.02 13.10 -23.08
N ILE A 166 2.80 13.32 -23.58
CA ILE A 166 1.89 12.22 -23.92
C ILE A 166 2.40 11.44 -25.15
N ARG A 167 2.92 12.13 -26.16
CA ARG A 167 3.55 11.46 -27.31
C ARG A 167 4.77 10.64 -26.88
N LEU A 168 5.62 11.25 -26.05
CA LEU A 168 6.79 10.58 -25.50
C LEU A 168 6.43 9.40 -24.59
N GLY A 169 5.43 9.60 -23.73
CA GLY A 169 4.93 8.55 -22.83
C GLY A 169 4.34 7.36 -23.57
N LEU A 170 3.65 7.65 -24.67
CA LEU A 170 3.14 6.60 -25.57
C LEU A 170 4.29 5.79 -26.17
N ALA A 171 5.32 6.48 -26.66
CA ALA A 171 6.50 5.83 -27.22
C ALA A 171 7.19 4.93 -26.19
N LEU A 172 7.27 5.41 -24.95
CA LEU A 172 7.81 4.61 -23.85
C LEU A 172 7.02 3.32 -23.65
N ASN A 173 5.70 3.45 -23.47
CA ASN A 173 4.83 2.28 -23.18
C ASN A 173 4.71 1.31 -24.36
N PHE A 174 4.67 1.84 -25.58
CA PHE A 174 4.57 1.00 -26.80
C PHE A 174 5.88 0.23 -27.03
N SER A 175 7.02 0.88 -26.80
CA SER A 175 8.31 0.20 -26.85
C SER A 175 8.41 -0.92 -25.79
N VAL A 176 7.89 -0.64 -24.59
CA VAL A 176 7.80 -1.66 -23.53
C VAL A 176 6.86 -2.80 -23.93
N PHE A 177 5.75 -2.48 -24.60
CA PHE A 177 4.86 -3.51 -25.14
C PHE A 177 5.63 -4.44 -26.09
N TYR A 178 6.34 -3.86 -27.06
CA TYR A 178 7.13 -4.65 -28.02
C TYR A 178 8.20 -5.52 -27.33
N TYR A 179 8.88 -4.96 -26.33
CA TYR A 179 9.93 -5.70 -25.63
C TYR A 179 9.39 -6.81 -24.72
N GLU A 180 8.42 -6.47 -23.88
CA GLU A 180 7.93 -7.38 -22.83
C GLU A 180 6.82 -8.33 -23.26
N ILE A 181 5.96 -7.88 -24.18
CA ILE A 181 4.80 -8.68 -24.60
C ILE A 181 5.06 -9.41 -25.92
N LEU A 182 5.61 -8.71 -26.90
CA LEU A 182 5.81 -9.27 -28.25
C LEU A 182 7.22 -9.86 -28.45
N ASN A 183 8.08 -9.75 -27.43
CA ASN A 183 9.46 -10.25 -27.47
C ASN A 183 10.19 -9.81 -28.74
N SER A 184 10.05 -8.53 -29.06
CA SER A 184 10.59 -7.94 -30.28
C SER A 184 11.56 -6.79 -29.94
N PRO A 185 12.71 -7.13 -29.33
CA PRO A 185 13.66 -6.10 -28.85
C PRO A 185 14.13 -5.10 -29.91
N GLU A 186 14.28 -5.53 -31.16
CA GLU A 186 14.71 -4.64 -32.24
C GLU A 186 13.65 -3.60 -32.58
N LYS A 187 12.39 -4.02 -32.61
CA LYS A 187 11.27 -3.11 -32.81
C LYS A 187 11.15 -2.12 -31.65
N ALA A 188 11.29 -2.63 -30.43
CA ALA A 188 11.24 -1.82 -29.21
C ALA A 188 12.32 -0.73 -29.19
N CYS A 189 13.55 -1.14 -29.48
CA CYS A 189 14.69 -0.21 -29.54
C CYS A 189 14.55 0.85 -30.61
N SER A 190 14.09 0.46 -31.81
CA SER A 190 13.95 1.42 -32.91
C SER A 190 12.84 2.42 -32.66
N LEU A 191 11.72 1.97 -32.07
CA LEU A 191 10.63 2.88 -31.67
C LEU A 191 11.11 3.88 -30.61
N ALA A 192 11.77 3.37 -29.57
CA ALA A 192 12.31 4.22 -28.50
C ALA A 192 13.36 5.21 -29.00
N LYS A 193 14.30 4.73 -29.82
CA LYS A 193 15.37 5.58 -30.37
C LYS A 193 14.82 6.67 -31.27
N THR A 194 13.89 6.30 -32.16
CA THR A 194 13.23 7.27 -33.05
C THR A 194 12.50 8.37 -32.27
N ALA A 195 11.78 7.98 -31.22
CA ALA A 195 11.07 8.95 -30.36
C ALA A 195 12.04 9.88 -29.63
N PHE A 196 13.13 9.32 -29.11
CA PHE A 196 14.17 10.10 -28.47
C PHE A 196 14.79 11.10 -29.45
N ASP A 197 15.23 10.61 -30.61
CA ASP A 197 15.90 11.44 -31.62
C ASP A 197 15.00 12.55 -32.20
N GLU A 198 13.74 12.23 -32.44
CA GLU A 198 12.78 13.24 -32.90
C GLU A 198 12.58 14.37 -31.89
N ALA A 199 12.52 14.01 -30.61
CA ALA A 199 12.43 15.00 -29.53
C ALA A 199 13.68 15.88 -29.44
N ILE A 200 14.86 15.27 -29.56
CA ILE A 200 16.14 16.00 -29.57
C ILE A 200 16.20 16.99 -30.74
N ALA A 201 15.75 16.57 -31.92
CA ALA A 201 15.75 17.42 -33.12
C ALA A 201 14.84 18.64 -33.03
N GLU A 202 13.68 18.49 -32.37
CA GLU A 202 12.73 19.58 -32.19
C GLU A 202 12.76 20.10 -30.76
N LEU A 203 13.97 20.43 -30.28
CA LEU A 203 14.16 20.87 -28.89
C LEU A 203 13.74 22.33 -28.66
N ASP A 204 13.63 23.10 -29.75
CA ASP A 204 13.10 24.48 -29.69
C ASP A 204 11.61 24.56 -29.32
N THR A 205 10.78 23.73 -29.96
CA THR A 205 9.33 23.70 -29.69
C THR A 205 9.03 22.88 -28.43
N LEU A 206 9.26 23.51 -27.28
CA LEU A 206 9.08 22.89 -25.96
C LEU A 206 8.86 23.99 -24.92
N SER A 207 7.63 24.08 -24.41
CA SER A 207 7.24 25.17 -23.49
C SER A 207 7.59 24.86 -22.03
N GLU A 208 7.69 25.93 -21.23
CA GLU A 208 8.09 25.85 -19.81
C GLU A 208 7.20 24.99 -18.90
N GLU A 209 5.95 24.72 -19.33
CA GLU A 209 5.06 23.82 -18.60
C GLU A 209 5.46 22.36 -18.78
N SER A 210 5.50 21.90 -20.03
CA SER A 210 5.87 20.52 -20.33
C SER A 210 7.35 20.42 -20.71
N TYR A 211 8.20 21.06 -19.91
CA TYR A 211 9.64 21.05 -20.16
C TYR A 211 10.33 20.00 -19.29
N LYS A 212 9.78 19.75 -18.11
CA LYS A 212 10.34 18.78 -17.18
C LYS A 212 9.89 17.36 -17.54
N ASP A 213 8.58 17.15 -17.58
CA ASP A 213 8.03 15.83 -17.92
C ASP A 213 8.64 15.25 -19.19
N SER A 214 8.76 16.07 -20.23
CA SER A 214 9.29 15.64 -21.52
C SER A 214 10.72 15.10 -21.38
N THR A 215 11.58 15.90 -20.75
CA THR A 215 12.99 15.52 -20.57
C THR A 215 13.16 14.31 -19.64
N LEU A 216 12.28 14.16 -18.64
CA LEU A 216 12.31 12.96 -17.79
C LEU A 216 11.97 11.68 -18.57
N ILE A 217 10.96 11.77 -19.43
CA ILE A 217 10.53 10.61 -20.25
C ILE A 217 11.61 10.28 -21.29
N MET A 218 12.23 11.29 -21.90
CA MET A 218 13.35 11.08 -22.83
C MET A 218 14.49 10.30 -22.16
N GLN A 219 14.81 10.65 -20.92
CA GLN A 219 15.79 9.92 -20.12
C GLN A 219 15.39 8.45 -19.89
N LEU A 220 14.10 8.21 -19.60
CA LEU A 220 13.59 6.84 -19.45
C LEU A 220 13.69 6.04 -20.75
N LEU A 221 13.39 6.69 -21.88
CA LEU A 221 13.54 6.07 -23.20
C LEU A 221 14.96 5.61 -23.45
N ARG A 222 15.92 6.50 -23.22
CA ARG A 222 17.33 6.17 -23.41
C ARG A 222 17.83 5.14 -22.40
N ASP A 223 17.35 5.20 -21.16
CA ASP A 223 17.67 4.16 -20.15
C ASP A 223 17.26 2.76 -20.63
N ASN A 224 16.08 2.66 -21.25
CA ASN A 224 15.63 1.39 -21.83
C ASN A 224 16.50 0.96 -23.02
N LEU A 225 16.92 1.92 -23.85
CA LEU A 225 17.85 1.62 -24.95
C LEU A 225 19.15 1.03 -24.46
N THR A 226 19.76 1.68 -23.45
CA THR A 226 21.02 1.20 -22.88
C THR A 226 20.84 -0.18 -22.20
N LEU A 227 19.73 -0.35 -21.48
CA LEU A 227 19.40 -1.64 -20.85
C LEU A 227 19.24 -2.76 -21.89
N TRP A 228 18.38 -2.51 -22.88
CA TRP A 228 18.09 -3.50 -23.93
C TRP A 228 19.25 -3.76 -24.90
N THR A 229 20.20 -2.83 -24.98
CA THR A 229 21.39 -2.97 -25.85
C THR A 229 22.41 -4.03 -25.37
N SER A 230 22.55 -4.17 -24.06
CA SER A 230 23.58 -5.04 -23.45
C SER A 230 23.45 -6.51 -23.88
N MET B 1 -7.36 -24.28 5.37
CA MET B 1 -8.29 -24.67 6.48
C MET B 1 -7.57 -25.21 7.71
N ASP B 2 -6.61 -26.13 7.50
CA ASP B 2 -5.76 -26.63 8.60
C ASP B 2 -4.72 -25.55 8.96
N LYS B 3 -4.32 -25.53 10.24
CA LYS B 3 -3.42 -24.50 10.80
C LYS B 3 -2.17 -24.27 9.95
N ASN B 4 -1.48 -25.36 9.63
CA ASN B 4 -0.22 -25.29 8.87
C ASN B 4 -0.40 -24.67 7.49
N GLU B 5 -1.54 -24.97 6.85
CA GLU B 5 -1.89 -24.39 5.55
C GLU B 5 -2.20 -22.90 5.66
N LEU B 6 -2.97 -22.53 6.69
CA LEU B 6 -3.31 -21.12 6.96
C LEU B 6 -2.06 -20.27 7.24
N VAL B 7 -1.12 -20.81 8.02
CA VAL B 7 0.16 -20.15 8.29
C VAL B 7 0.94 -19.91 6.99
N GLN B 8 0.98 -20.91 6.10
CA GLN B 8 1.66 -20.76 4.80
C GLN B 8 0.98 -19.74 3.89
N LYS B 9 -0.36 -19.70 3.91
CA LYS B 9 -1.13 -18.68 3.19
C LYS B 9 -0.82 -17.26 3.70
N ALA B 10 -0.77 -17.11 5.03
CA ALA B 10 -0.40 -15.84 5.66
C ALA B 10 0.98 -15.35 5.19
N LYS B 11 1.96 -16.26 5.16
CA LYS B 11 3.31 -15.92 4.68
C LYS B 11 3.31 -15.52 3.19
N LEU B 12 2.52 -16.22 2.38
CA LEU B 12 2.31 -15.83 0.97
C LEU B 12 1.74 -14.44 0.84
N ALA B 13 0.67 -14.19 1.59
CA ALA B 13 0.00 -12.89 1.62
C ALA B 13 0.95 -11.77 2.06
N GLU B 14 1.81 -12.04 3.04
CA GLU B 14 2.83 -11.09 3.49
C GLU B 14 3.78 -10.70 2.36
N GLN B 15 4.26 -11.70 1.64
CA GLN B 15 5.13 -11.49 0.48
C GLN B 15 4.44 -10.65 -0.59
N ALA B 16 3.15 -10.93 -0.81
CA ALA B 16 2.32 -10.15 -1.74
C ALA B 16 1.90 -8.76 -1.25
N GLU B 17 2.22 -8.42 0.00
CA GLU B 17 1.76 -7.18 0.65
C GLU B 17 0.23 -7.05 0.63
N ARG B 18 -0.44 -8.19 0.82
CA ARG B 18 -1.88 -8.27 0.89
C ARG B 18 -2.23 -8.55 2.34
N TYR B 19 -2.22 -7.50 3.16
CA TYR B 19 -2.26 -7.63 4.61
C TYR B 19 -3.63 -7.95 5.21
N ASP B 20 -4.71 -7.58 4.52
CA ASP B 20 -6.06 -8.00 4.94
C ASP B 20 -6.18 -9.53 4.85
N ASP B 21 -5.74 -10.09 3.73
CA ASP B 21 -5.67 -11.56 3.56
C ASP B 21 -4.81 -12.20 4.67
N MET B 22 -3.65 -11.61 4.94
CA MET B 22 -2.74 -12.10 5.96
C MET B 22 -3.41 -12.10 7.34
N ALA B 23 -4.07 -11.00 7.68
CA ALA B 23 -4.78 -10.88 8.95
C ALA B 23 -5.92 -11.88 9.08
N ALA B 24 -6.66 -12.09 8.00
CA ALA B 24 -7.76 -13.07 7.98
C ALA B 24 -7.26 -14.50 8.22
N CYS B 25 -6.13 -14.85 7.60
CA CYS B 25 -5.50 -16.16 7.83
C CYS B 25 -5.08 -16.34 9.29
N MET B 26 -4.38 -15.35 9.84
CA MET B 26 -3.91 -15.43 11.22
C MET B 26 -5.03 -15.29 12.26
N LYS B 27 -6.12 -14.61 11.89
CA LYS B 27 -7.32 -14.54 12.73
C LYS B 27 -7.92 -15.95 12.90
N SER B 28 -8.08 -16.65 11.78
CA SER B 28 -8.63 -18.00 11.78
C SER B 28 -7.70 -19.01 12.47
N VAL B 29 -6.38 -18.83 12.34
CA VAL B 29 -5.41 -19.64 13.08
C VAL B 29 -5.59 -19.46 14.59
N THR B 30 -5.68 -18.21 15.02
CA THR B 30 -5.90 -17.86 16.44
C THR B 30 -7.22 -18.44 16.98
N GLU B 31 -8.27 -18.41 16.15
CA GLU B 31 -9.60 -18.89 16.53
C GLU B 31 -9.72 -20.42 16.69
N GLN B 32 -8.74 -21.17 16.21
CA GLN B 32 -8.65 -22.61 16.49
C GLN B 32 -8.38 -22.91 17.97
N GLY B 33 -7.87 -21.91 18.70
CA GLY B 33 -7.81 -21.95 20.16
C GLY B 33 -6.53 -22.52 20.76
N ALA B 34 -5.58 -22.93 19.92
CA ALA B 34 -4.28 -23.41 20.39
C ALA B 34 -3.33 -22.23 20.54
N GLU B 35 -2.50 -22.28 21.59
CA GLU B 35 -1.49 -21.27 21.86
C GLU B 35 -0.59 -21.06 20.64
N LEU B 36 -0.42 -19.80 20.23
CA LEU B 36 0.40 -19.48 19.07
C LEU B 36 1.88 -19.62 19.36
N SER B 37 2.63 -20.08 18.35
CA SER B 37 4.08 -20.08 18.40
C SER B 37 4.62 -18.67 18.26
N ASN B 38 5.92 -18.52 18.48
CA ASN B 38 6.62 -17.24 18.28
C ASN B 38 6.42 -16.73 16.85
N GLU B 39 6.63 -17.61 15.88
CA GLU B 39 6.43 -17.28 14.46
C GLU B 39 4.98 -16.86 14.15
N GLU B 40 4.02 -17.60 14.68
CA GLU B 40 2.60 -17.35 14.42
C GLU B 40 2.12 -16.02 15.01
N ARG B 41 2.51 -15.73 16.25
CA ARG B 41 2.10 -14.49 16.90
C ARG B 41 2.73 -13.25 16.22
N ASN B 42 3.96 -13.41 15.74
CA ASN B 42 4.64 -12.37 14.95
C ASN B 42 3.95 -12.13 13.61
N LEU B 43 3.48 -13.20 12.95
CA LEU B 43 2.68 -13.05 11.73
C LEU B 43 1.35 -12.34 11.98
N LEU B 44 0.66 -12.72 13.05
CA LEU B 44 -0.56 -12.04 13.47
C LEU B 44 -0.30 -10.55 13.74
N SER B 45 0.79 -10.27 14.45
CA SER B 45 1.15 -8.91 14.84
C SER B 45 1.47 -8.03 13.63
N VAL B 46 2.30 -8.56 12.72
CA VAL B 46 2.66 -7.85 11.48
C VAL B 46 1.44 -7.59 10.60
N ALA B 47 0.58 -8.60 10.46
CA ALA B 47 -0.64 -8.49 9.66
C ALA B 47 -1.51 -7.33 10.13
N TYR B 48 -1.88 -7.36 11.41
CA TYR B 48 -2.79 -6.34 11.96
C TYR B 48 -2.16 -4.96 12.13
N LYS B 49 -0.86 -4.92 12.39
CA LYS B 49 -0.11 -3.68 12.43
C LYS B 49 -0.24 -2.91 11.10
N ASN B 50 -0.10 -3.64 9.99
CA ASN B 50 -0.26 -3.08 8.65
C ASN B 50 -1.70 -2.72 8.30
N VAL B 51 -2.65 -3.55 8.72
CA VAL B 51 -4.07 -3.33 8.44
C VAL B 51 -4.57 -2.09 9.18
N VAL B 52 -4.32 -2.01 10.48
CA VAL B 52 -4.69 -0.82 11.27
C VAL B 52 -3.83 0.37 10.85
N GLY B 53 -2.55 0.13 10.56
CA GLY B 53 -1.61 1.16 10.16
C GLY B 53 -2.06 1.99 8.95
N ALA B 54 -2.61 1.31 7.95
CA ALA B 54 -3.14 1.98 6.76
C ALA B 54 -4.24 2.97 7.11
N ARG B 55 -5.14 2.58 8.02
CA ARG B 55 -6.25 3.44 8.45
C ARG B 55 -5.75 4.59 9.31
N ARG B 56 -4.81 4.30 10.21
CA ARG B 56 -4.17 5.33 11.03
C ARG B 56 -3.50 6.39 10.17
N SER B 57 -2.72 5.98 9.19
CA SER B 57 -2.05 6.92 8.28
C SER B 57 -3.05 7.77 7.50
N SER B 58 -4.08 7.13 6.94
CA SER B 58 -5.19 7.83 6.27
C SER B 58 -5.92 8.80 7.20
N TRP B 59 -6.15 8.38 8.44
CA TRP B 59 -6.83 9.20 9.41
C TRP B 59 -5.98 10.41 9.84
N ARG B 60 -4.68 10.30 9.63
CA ARG B 60 -3.76 11.37 9.99
C ARG B 60 -3.69 12.45 8.91
N VAL B 61 -4.08 12.09 7.70
CA VAL B 61 -4.06 13.03 6.58
C VAL B 61 -5.42 13.71 6.41
N VAL B 62 -6.48 12.97 6.70
CA VAL B 62 -7.85 13.51 6.57
C VAL B 62 -8.23 14.39 7.78
N SER B 63 -7.78 14.01 8.97
CA SER B 63 -7.96 14.82 10.17
C SER B 63 -7.24 16.16 10.06
N SER B 64 -6.01 16.14 9.56
CA SER B 64 -5.22 17.35 9.34
C SER B 64 -5.87 18.29 8.32
N ILE B 65 -6.33 17.73 7.20
CA ILE B 65 -7.04 18.50 6.17
C ILE B 65 -8.31 19.15 6.74
N GLU B 66 -9.09 18.39 7.50
CA GLU B 66 -10.27 18.91 8.20
C GLU B 66 -9.93 20.09 9.12
N GLN B 67 -8.80 19.97 9.83
CA GLN B 67 -8.30 21.05 10.70
C GLN B 67 -7.96 22.34 9.94
N LYS B 68 -7.36 22.19 8.76
CA LYS B 68 -6.92 23.34 7.94
C LYS B 68 -7.94 23.81 6.89
N THR B 69 -9.22 23.78 7.24
CA THR B 69 -10.29 24.20 6.34
C THR B 69 -11.08 25.35 6.92
N GLU B 70 -11.61 26.21 6.04
CA GLU B 70 -12.40 27.35 6.47
C GLU B 70 -13.78 27.35 5.81
N GLU B 73 -17.33 25.53 5.54
CA GLU B 73 -17.37 25.22 4.11
C GLU B 73 -17.73 23.75 3.87
N LYS B 74 -18.23 23.46 2.68
CA LYS B 74 -18.61 22.09 2.33
C LYS B 74 -17.42 21.14 2.44
N LYS B 75 -16.23 21.65 2.16
CA LYS B 75 -15.01 20.84 2.22
C LYS B 75 -14.76 20.25 3.61
N GLN B 76 -15.04 21.03 4.66
CA GLN B 76 -14.86 20.58 6.04
C GLN B 76 -15.78 19.41 6.41
N GLN B 77 -17.05 19.52 6.03
CA GLN B 77 -18.04 18.46 6.28
C GLN B 77 -17.71 17.16 5.53
N MET B 78 -17.16 17.29 4.33
CA MET B 78 -16.69 16.13 3.56
C MET B 78 -15.51 15.46 4.26
N ALA B 79 -14.54 16.27 4.69
CA ALA B 79 -13.38 15.77 5.44
C ALA B 79 -13.78 15.13 6.77
N ARG B 80 -14.76 15.73 7.47
CA ARG B 80 -15.28 15.14 8.71
C ARG B 80 -15.92 13.78 8.45
N GLU B 81 -16.82 13.71 7.47
CA GLU B 81 -17.51 12.47 7.15
C GLU B 81 -16.59 11.36 6.63
N TYR B 82 -15.53 11.73 5.91
CA TYR B 82 -14.55 10.76 5.44
C TYR B 82 -13.68 10.26 6.59
N ARG B 83 -13.26 11.17 7.48
CA ARG B 83 -12.58 10.79 8.72
C ARG B 83 -13.41 9.81 9.54
N GLU B 84 -14.70 10.10 9.70
CA GLU B 84 -15.62 9.23 10.46
C GLU B 84 -15.73 7.84 9.85
N LYS B 85 -15.74 7.76 8.52
CA LYS B 85 -15.76 6.48 7.80
C LYS B 85 -14.48 5.70 8.06
N ILE B 86 -13.35 6.39 7.98
CA ILE B 86 -12.04 5.79 8.26
C ILE B 86 -11.96 5.34 9.71
N GLU B 87 -12.47 6.17 10.62
CA GLU B 87 -12.53 5.84 12.06
C GLU B 87 -13.31 4.55 12.33
N THR B 88 -14.46 4.39 11.67
CA THR B 88 -15.29 3.19 11.81
C THR B 88 -14.53 1.93 11.43
N GLU B 89 -13.86 1.97 10.27
CA GLU B 89 -12.98 0.87 9.85
C GLU B 89 -11.90 0.57 10.89
N LEU B 90 -11.29 1.63 11.40
CA LEU B 90 -10.20 1.53 12.37
C LEU B 90 -10.65 0.90 13.69
N ARG B 91 -11.80 1.34 14.20
CA ARG B 91 -12.35 0.77 15.44
C ARG B 91 -12.70 -0.71 15.29
N ASP B 92 -13.30 -1.08 14.16
CA ASP B 92 -13.64 -2.49 13.88
C ASP B 92 -12.41 -3.39 13.82
N ILE B 93 -11.30 -2.85 13.30
CA ILE B 93 -10.01 -3.57 13.29
C ILE B 93 -9.49 -3.75 14.71
N CYS B 94 -9.40 -2.65 15.46
CA CYS B 94 -8.92 -2.69 16.84
C CYS B 94 -9.73 -3.64 17.74
N ASN B 95 -11.06 -3.59 17.61
CA ASN B 95 -11.94 -4.46 18.39
C ASN B 95 -11.81 -5.94 18.01
N ASP B 96 -11.57 -6.22 16.73
CA ASP B 96 -11.23 -7.59 16.30
C ASP B 96 -9.97 -8.11 17.01
N VAL B 97 -8.91 -7.30 16.99
CA VAL B 97 -7.63 -7.67 17.62
C VAL B 97 -7.79 -7.82 19.13
N LEU B 98 -8.44 -6.83 19.75
CA LEU B 98 -8.69 -6.86 21.19
C LEU B 98 -9.55 -8.06 21.63
N SER B 99 -10.49 -8.46 20.78
CA SER B 99 -11.31 -9.65 21.04
C SER B 99 -10.47 -10.94 20.97
N LEU B 100 -9.60 -11.04 19.96
CA LEU B 100 -8.63 -12.15 19.88
C LEU B 100 -7.74 -12.21 21.13
N LEU B 101 -7.30 -11.05 21.60
CA LEU B 101 -6.46 -10.96 22.80
C LEU B 101 -7.18 -11.44 24.07
N GLU B 102 -8.43 -11.02 24.26
CA GLU B 102 -9.22 -11.43 25.44
C GLU B 102 -9.64 -12.90 25.40
N LYS B 103 -10.14 -13.34 24.25
CA LYS B 103 -10.72 -14.67 24.12
C LYS B 103 -9.69 -15.80 24.02
N PHE B 104 -8.58 -15.57 23.32
CA PHE B 104 -7.62 -16.62 22.98
C PHE B 104 -6.18 -16.41 23.45
N LEU B 105 -5.60 -15.25 23.11
CA LEU B 105 -4.15 -15.05 23.22
C LEU B 105 -3.65 -14.87 24.66
N ILE B 106 -4.27 -13.97 25.41
CA ILE B 106 -3.85 -13.71 26.79
C ILE B 106 -4.10 -14.92 27.73
N PRO B 107 -5.30 -15.57 27.62
CA PRO B 107 -5.55 -16.80 28.41
C PRO B 107 -4.59 -17.97 28.16
N ASN B 108 -4.32 -18.27 26.89
CA ASN B 108 -3.43 -19.38 26.51
C ASN B 108 -1.92 -19.09 26.66
N ALA B 109 -1.54 -17.86 27.00
CA ALA B 109 -0.12 -17.48 27.10
C ALA B 109 0.55 -18.18 28.29
N SER B 110 1.32 -19.22 27.99
CA SER B 110 1.96 -20.06 29.02
C SER B 110 3.28 -19.51 29.57
N GLN B 111 3.84 -18.48 28.94
CA GLN B 111 5.15 -17.94 29.33
C GLN B 111 5.06 -16.44 29.56
N ALA B 112 5.92 -15.94 30.45
CA ALA B 112 5.95 -14.51 30.78
C ALA B 112 6.22 -13.66 29.55
N GLU B 113 7.15 -14.11 28.71
CA GLU B 113 7.47 -13.47 27.43
C GLU B 113 6.25 -13.23 26.55
N SER B 114 5.44 -14.26 26.35
CA SER B 114 4.24 -14.14 25.52
C SER B 114 3.15 -13.34 26.24
N LYS B 115 3.05 -13.46 27.57
CA LYS B 115 2.16 -12.60 28.37
C LYS B 115 2.46 -11.11 28.16
N VAL B 116 3.73 -10.74 28.29
CA VAL B 116 4.18 -9.35 28.05
C VAL B 116 3.85 -8.93 26.61
N PHE B 117 4.18 -9.78 25.65
CA PHE B 117 3.92 -9.52 24.22
C PHE B 117 2.46 -9.16 23.95
N TYR B 118 1.54 -9.97 24.48
CA TYR B 118 0.11 -9.78 24.25
C TYR B 118 -0.47 -8.62 25.06
N LEU B 119 0.02 -8.41 26.27
CA LEU B 119 -0.42 -7.25 27.07
C LEU B 119 0.05 -5.93 26.46
N LYS B 120 1.28 -5.90 25.91
CA LYS B 120 1.75 -4.75 25.12
C LYS B 120 0.83 -4.51 23.93
N MET B 121 0.49 -5.59 23.25
CA MET B 121 -0.40 -5.54 22.09
C MET B 121 -1.78 -4.97 22.48
N LYS B 122 -2.31 -5.42 23.60
CA LYS B 122 -3.57 -4.89 24.14
C LYS B 122 -3.46 -3.38 24.39
N GLY B 123 -2.37 -2.98 25.04
CA GLY B 123 -2.04 -1.57 25.24
C GLY B 123 -1.97 -0.78 23.94
N ASP B 124 -1.31 -1.34 22.92
CA ASP B 124 -1.21 -0.69 21.61
C ASP B 124 -2.58 -0.45 20.96
N TYR B 125 -3.43 -1.47 20.96
CA TYR B 125 -4.70 -1.38 20.23
C TYR B 125 -5.76 -0.51 20.93
N TYR B 126 -5.74 -0.48 22.27
CA TYR B 126 -6.51 0.53 23.01
C TYR B 126 -5.95 1.94 22.79
N ARG B 127 -4.62 2.06 22.68
CA ARG B 127 -4.00 3.34 22.34
C ARG B 127 -4.44 3.85 20.96
N TYR B 128 -4.59 2.95 19.99
CA TYR B 128 -5.07 3.34 18.66
C TYR B 128 -6.54 3.78 18.71
N LEU B 129 -7.35 3.11 19.55
CA LEU B 129 -8.71 3.57 19.85
C LEU B 129 -8.71 4.94 20.54
N ALA B 130 -7.75 5.15 21.45
CA ALA B 130 -7.61 6.44 22.16
C ALA B 130 -7.25 7.62 21.25
N GLU B 131 -6.38 7.38 20.27
CA GLU B 131 -6.04 8.39 19.24
C GLU B 131 -7.28 8.92 18.52
N VAL B 132 -8.29 8.06 18.37
CA VAL B 132 -9.49 8.32 17.58
C VAL B 132 -10.75 8.59 18.43
N ALA B 133 -10.62 8.52 19.76
CA ALA B 133 -11.74 8.75 20.68
C ALA B 133 -11.88 10.23 21.03
N ALA B 134 -13.10 10.62 21.40
CA ALA B 134 -13.39 11.99 21.85
C ALA B 134 -14.38 12.00 23.01
N GLY B 135 -14.06 12.77 24.05
CA GLY B 135 -15.00 13.05 25.14
C GLY B 135 -15.21 11.92 26.14
N ASP B 136 -16.43 11.37 26.15
CA ASP B 136 -16.88 10.43 27.18
C ASP B 136 -16.04 9.16 27.23
N ASP B 137 -15.94 8.51 26.07
CA ASP B 137 -15.31 7.19 25.95
C ASP B 137 -13.80 7.22 26.22
N LYS B 138 -13.15 8.32 25.86
CA LYS B 138 -11.67 8.42 25.85
C LYS B 138 -11.01 8.08 27.19
N LYS B 139 -11.46 8.71 28.28
CA LYS B 139 -10.90 8.45 29.61
C LYS B 139 -10.88 6.95 29.94
N GLY B 140 -11.97 6.26 29.63
CA GLY B 140 -12.08 4.81 29.79
C GLY B 140 -11.18 4.01 28.85
N ILE B 141 -11.08 4.45 27.60
CA ILE B 141 -10.19 3.81 26.61
C ILE B 141 -8.73 3.97 27.02
N VAL B 142 -8.36 5.19 27.43
CA VAL B 142 -7.01 5.53 27.85
C VAL B 142 -6.55 4.72 29.07
N ASP B 143 -7.48 4.49 30.02
CA ASP B 143 -7.17 3.72 31.22
C ASP B 143 -6.95 2.24 30.93
N GLN B 144 -7.67 1.71 29.95
CA GLN B 144 -7.50 0.34 29.56
C GLN B 144 -6.13 0.16 28.92
N SER B 145 -5.75 1.09 28.06
CA SER B 145 -4.42 1.07 27.45
C SER B 145 -3.35 1.08 28.52
N GLN B 146 -3.44 2.05 29.43
CA GLN B 146 -2.45 2.21 30.50
C GLN B 146 -2.34 0.99 31.41
N GLN B 147 -3.47 0.39 31.76
CA GLN B 147 -3.49 -0.81 32.61
C GLN B 147 -2.86 -2.03 31.93
N ALA B 148 -3.11 -2.18 30.63
CA ALA B 148 -2.50 -3.24 29.83
C ALA B 148 -0.97 -3.06 29.82
N TYR B 149 -0.54 -1.86 29.45
CA TYR B 149 0.90 -1.51 29.45
C TYR B 149 1.54 -1.69 30.82
N GLN B 150 0.85 -1.23 31.87
CA GLN B 150 1.40 -1.27 33.23
C GLN B 150 1.64 -2.69 33.72
N GLU B 151 0.66 -3.58 33.51
CA GLU B 151 0.82 -5.00 33.85
C GLU B 151 1.96 -5.65 33.04
N ALA B 152 2.01 -5.36 31.74
CA ALA B 152 3.12 -5.81 30.90
C ALA B 152 4.46 -5.33 31.43
N PHE B 153 4.50 -4.05 31.83
CA PHE B 153 5.73 -3.41 32.31
C PHE B 153 6.26 -4.09 33.56
N GLU B 154 5.37 -4.36 34.51
CA GLU B 154 5.74 -5.03 35.76
C GLU B 154 6.25 -6.46 35.55
N ILE B 155 5.58 -7.22 34.69
CA ILE B 155 6.03 -8.58 34.36
C ILE B 155 7.40 -8.56 33.66
N SER B 156 7.60 -7.60 32.75
CA SER B 156 8.87 -7.51 32.00
C SER B 156 10.06 -7.18 32.90
N LYS B 157 9.88 -6.20 33.79
CA LYS B 157 10.91 -5.85 34.78
C LYS B 157 11.26 -7.04 35.69
N LYS B 158 10.24 -7.79 36.10
CA LYS B 158 10.42 -8.96 36.95
C LYS B 158 11.10 -10.12 36.21
N GLU B 159 10.66 -10.40 34.98
CA GLU B 159 10.98 -11.66 34.29
C GLU B 159 11.95 -11.59 33.11
N MET B 160 12.21 -10.39 32.58
CA MET B 160 13.05 -10.23 31.40
C MET B 160 14.27 -9.36 31.67
N GLN B 161 15.34 -9.62 30.94
CA GLN B 161 16.57 -8.83 31.02
C GLN B 161 16.35 -7.47 30.35
N PRO B 162 17.05 -6.42 30.80
CA PRO B 162 16.88 -5.07 30.20
C PRO B 162 17.15 -4.98 28.68
N THR B 163 17.99 -5.88 28.16
CA THR B 163 18.29 -5.93 26.73
C THR B 163 17.30 -6.76 25.89
N HIS B 164 16.31 -7.39 26.52
CA HIS B 164 15.35 -8.22 25.78
C HIS B 164 14.50 -7.33 24.86
N PRO B 165 14.37 -7.69 23.57
CA PRO B 165 13.67 -6.80 22.62
C PRO B 165 12.21 -6.51 22.95
N ILE B 166 11.51 -7.48 23.53
CA ILE B 166 10.11 -7.30 23.97
C ILE B 166 10.00 -6.31 25.14
N ARG B 167 10.91 -6.43 26.11
CA ARG B 167 10.98 -5.47 27.21
C ARG B 167 11.32 -4.06 26.71
N LEU B 168 12.31 -3.96 25.82
CA LEU B 168 12.68 -2.69 25.21
C LEU B 168 11.56 -2.09 24.36
N GLY B 169 10.90 -2.93 23.58
CA GLY B 169 9.79 -2.50 22.73
C GLY B 169 8.60 -2.02 23.54
N LEU B 170 8.34 -2.69 24.66
CA LEU B 170 7.31 -2.25 25.59
C LEU B 170 7.63 -0.86 26.15
N ALA B 171 8.85 -0.68 26.64
CA ALA B 171 9.32 0.63 27.13
C ALA B 171 9.12 1.74 26.09
N LEU B 172 9.49 1.45 24.84
CA LEU B 172 9.30 2.38 23.71
C LEU B 172 7.83 2.77 23.53
N ASN B 173 6.95 1.78 23.42
CA ASN B 173 5.53 2.03 23.18
C ASN B 173 4.82 2.68 24.38
N PHE B 174 5.20 2.27 25.59
CA PHE B 174 4.64 2.83 26.82
C PHE B 174 5.06 4.30 26.98
N SER B 175 6.31 4.61 26.65
CA SER B 175 6.79 6.01 26.65
C SER B 175 6.02 6.85 25.63
N VAL B 176 5.79 6.29 24.43
CA VAL B 176 4.97 6.95 23.41
C VAL B 176 3.53 7.18 23.89
N PHE B 177 2.98 6.21 24.61
CA PHE B 177 1.66 6.37 25.24
C PHE B 177 1.63 7.58 26.17
N TYR B 178 2.59 7.65 27.09
CA TYR B 178 2.71 8.79 28.02
C TYR B 178 2.86 10.13 27.29
N TYR B 179 3.68 10.18 26.25
CA TYR B 179 3.91 11.43 25.50
C TYR B 179 2.71 11.86 24.65
N GLU B 180 2.15 10.92 23.88
CA GLU B 180 1.14 11.25 22.88
C GLU B 180 -0.31 11.19 23.39
N ILE B 181 -0.58 10.27 24.32
CA ILE B 181 -1.96 10.07 24.80
C ILE B 181 -2.22 10.78 26.12
N LEU B 182 -1.33 10.62 27.10
CA LEU B 182 -1.48 11.29 28.40
C LEU B 182 -0.86 12.69 28.48
N ASN B 183 -0.10 13.09 27.45
CA ASN B 183 0.61 14.38 27.43
C ASN B 183 1.43 14.58 28.71
N SER B 184 2.23 13.57 29.04
CA SER B 184 3.09 13.56 30.21
C SER B 184 4.53 13.40 29.73
N PRO B 185 5.09 14.45 29.10
CA PRO B 185 6.44 14.33 28.50
C PRO B 185 7.55 13.93 29.47
N GLU B 186 7.46 14.40 30.71
CA GLU B 186 8.46 14.07 31.74
C GLU B 186 8.45 12.58 32.09
N LYS B 187 7.26 12.01 32.18
CA LYS B 187 7.10 10.57 32.42
C LYS B 187 7.58 9.74 31.21
N ALA B 188 7.27 10.21 30.01
CA ALA B 188 7.71 9.57 28.77
C ALA B 188 9.25 9.51 28.68
N CYS B 189 9.88 10.66 28.93
CA CYS B 189 11.35 10.77 28.90
C CYS B 189 12.02 9.93 29.98
N SER B 190 11.48 9.98 31.19
CA SER B 190 12.00 9.18 32.31
C SER B 190 11.94 7.66 32.03
N LEU B 191 10.83 7.22 31.46
CA LEU B 191 10.65 5.82 31.10
C LEU B 191 11.66 5.41 30.02
N ALA B 192 11.72 6.21 28.95
CA ALA B 192 12.61 5.93 27.82
C ALA B 192 14.09 5.98 28.19
N LYS B 193 14.48 6.97 29.01
CA LYS B 193 15.87 7.11 29.47
C LYS B 193 16.32 5.93 30.33
N THR B 194 15.48 5.52 31.27
CA THR B 194 15.77 4.39 32.14
C THR B 194 15.93 3.09 31.33
N ALA B 195 15.02 2.85 30.39
CA ALA B 195 15.09 1.66 29.53
C ALA B 195 16.39 1.60 28.71
N PHE B 196 16.76 2.75 28.12
CA PHE B 196 18.01 2.87 27.36
C PHE B 196 19.25 2.61 28.23
N ASP B 197 19.35 3.34 29.34
CA ASP B 197 20.51 3.24 30.24
C ASP B 197 20.68 1.85 30.85
N GLU B 198 19.58 1.24 31.26
CA GLU B 198 19.61 -0.12 31.82
C GLU B 198 20.07 -1.16 30.78
N ALA B 199 19.67 -0.97 29.52
CA ALA B 199 20.13 -1.83 28.42
C ALA B 199 21.62 -1.64 28.14
N ILE B 200 22.07 -0.39 28.06
CA ILE B 200 23.49 -0.05 27.92
C ILE B 200 24.35 -0.67 29.03
N ALA B 201 23.85 -0.62 30.26
CA ALA B 201 24.57 -1.13 31.43
C ALA B 201 24.74 -2.66 31.46
N GLU B 202 23.86 -3.41 30.79
CA GLU B 202 23.91 -4.88 30.75
C GLU B 202 24.09 -5.39 29.33
N LEU B 203 25.05 -4.83 28.62
CA LEU B 203 25.19 -5.09 27.17
C LEU B 203 25.94 -6.38 26.79
N ASP B 204 26.62 -7.02 27.75
CA ASP B 204 27.16 -8.38 27.55
C ASP B 204 26.10 -9.50 27.69
N THR B 205 24.90 -9.15 28.14
CA THR B 205 23.78 -10.10 28.28
C THR B 205 22.94 -10.32 27.00
N LEU B 206 23.46 -9.91 25.84
CA LEU B 206 22.85 -10.25 24.55
C LEU B 206 23.41 -11.56 24.00
N SER B 207 22.61 -12.19 23.15
CA SER B 207 23.05 -13.33 22.34
C SER B 207 23.03 -12.93 20.86
N GLU B 208 23.70 -13.72 20.03
CA GLU B 208 23.87 -13.42 18.61
C GLU B 208 22.58 -13.30 17.79
N GLU B 209 21.47 -13.87 18.29
CA GLU B 209 20.17 -13.77 17.63
C GLU B 209 19.55 -12.37 17.74
N SER B 210 19.31 -11.93 18.97
CA SER B 210 18.45 -10.76 19.24
C SER B 210 19.16 -9.40 19.41
N TYR B 211 20.46 -9.32 19.15
CA TYR B 211 21.22 -8.07 19.35
C TYR B 211 20.77 -6.94 18.40
N LYS B 212 20.42 -7.30 17.18
CA LYS B 212 20.07 -6.33 16.13
C LYS B 212 18.74 -5.64 16.45
N ASP B 213 17.74 -6.43 16.84
CA ASP B 213 16.43 -5.91 17.22
C ASP B 213 16.51 -5.04 18.48
N SER B 214 17.25 -5.52 19.48
CA SER B 214 17.44 -4.79 20.73
C SER B 214 18.09 -3.41 20.50
N THR B 215 19.21 -3.40 19.79
CA THR B 215 19.93 -2.14 19.52
C THR B 215 19.15 -1.18 18.64
N LEU B 216 18.34 -1.70 17.70
CA LEU B 216 17.45 -0.85 16.90
C LEU B 216 16.42 -0.11 17.78
N ILE B 217 15.82 -0.83 18.74
CA ILE B 217 14.84 -0.22 19.66
C ILE B 217 15.52 0.81 20.57
N MET B 218 16.73 0.48 21.05
CA MET B 218 17.55 1.42 21.82
C MET B 218 17.79 2.72 21.06
N GLN B 219 18.11 2.61 19.78
CA GLN B 219 18.28 3.78 18.92
C GLN B 219 16.98 4.61 18.81
N LEU B 220 15.84 3.92 18.67
CA LEU B 220 14.53 4.60 18.65
C LEU B 220 14.19 5.25 19.99
N LEU B 221 14.54 4.61 21.10
CA LEU B 221 14.36 5.21 22.42
C LEU B 221 15.13 6.53 22.53
N ARG B 222 16.40 6.53 22.13
CA ARG B 222 17.24 7.73 22.21
C ARG B 222 16.80 8.82 21.24
N ASP B 223 16.38 8.44 20.04
CA ASP B 223 15.81 9.37 19.06
C ASP B 223 14.61 10.13 19.63
N ASN B 224 13.73 9.41 20.33
CA ASN B 224 12.60 10.04 21.03
C ASN B 224 13.06 10.99 22.12
N LEU B 225 14.06 10.60 22.91
CA LEU B 225 14.63 11.48 23.93
C LEU B 225 15.21 12.77 23.34
N THR B 226 15.90 12.65 22.21
CA THR B 226 16.44 13.80 21.49
C THR B 226 15.32 14.70 20.96
N LEU B 227 14.29 14.09 20.36
CA LEU B 227 13.12 14.82 19.87
C LEU B 227 12.35 15.52 20.99
N TRP B 228 12.11 14.79 22.08
CA TRP B 228 11.29 15.30 23.19
C TRP B 228 11.98 16.35 24.07
N THR B 229 13.31 16.47 23.99
CA THR B 229 14.04 17.54 24.67
C THR B 229 13.93 18.83 23.85
#